data_1Z5N
#
_entry.id   1Z5N
#
_cell.length_a   51.680
_cell.length_b   69.460
_cell.length_c   128.360
_cell.angle_alpha   90.00
_cell.angle_beta   90.00
_cell.angle_gamma   90.00
#
_symmetry.space_group_name_H-M   'P 21 21 21'
#
loop_
_entity.id
_entity.type
_entity.pdbx_description
1 polymer 'MTA/SAH nucleosidase'
2 non-polymer 5-S-methyl-5-thio-alpha-D-ribofuranose
3 non-polymer ADENINE
4 water water
#
_entity_poly.entity_id   1
_entity_poly.type   'polypeptide(L)'
_entity_poly.pdbx_seq_one_letter_code
;FQGAMDPEFSMKIGIIGAMEEQVTLLRDKIENRQTISLGGCEIYTGQLNGTEVALLKSGIGKVAAALGATLLLEHCKPDV
IINTGSAGGLAPTLKVGDIVVSDEARYHDADVTAFGYEYGQLPGCPAGFKADDKLIAAAEACIAELNLNAVRGLIVSGDA
FINGSVGLAKIRHNFPQAIAVEMEATAIAHVCHNFNVPFVVVRAISDVADQQSHLSFDEFLAVAAKQSSLMVESLVQKLA
HG
;
_entity_poly.pdbx_strand_id   A,B
#
loop_
_chem_comp.id
_chem_comp.type
_chem_comp.name
_chem_comp.formula
ADE non-polymer ADENINE 'C5 H5 N5'
SR1 D-saccharide, alpha linking 5-S-methyl-5-thio-alpha-D-ribofuranose 'C6 H12 O4 S'
#
# COMPACT_ATOMS: atom_id res chain seq x y z
N PHE A 9 -8.77 16.76 27.27
CA PHE A 9 -10.21 16.81 26.85
C PHE A 9 -10.44 17.30 25.42
N SER A 10 -9.39 17.32 24.61
CA SER A 10 -9.57 17.73 23.22
C SER A 10 -8.63 16.92 22.35
N MET A 11 -8.31 15.71 22.80
CA MET A 11 -7.45 14.83 22.04
C MET A 11 -8.35 13.88 21.29
N LYS A 12 -8.00 13.60 20.04
CA LYS A 12 -8.78 12.67 19.25
C LYS A 12 -7.84 11.52 18.89
N ILE A 13 -8.18 10.31 19.29
CA ILE A 13 -7.32 9.16 19.01
C ILE A 13 -7.86 8.30 17.88
N GLY A 14 -7.02 8.10 16.88
CA GLY A 14 -7.40 7.30 15.74
C GLY A 14 -7.01 5.86 16.01
N ILE A 15 -7.91 4.94 15.70
CA ILE A 15 -7.66 3.52 15.89
C ILE A 15 -7.90 2.82 14.55
N ILE A 16 -6.97 1.98 14.13
CA ILE A 16 -7.12 1.28 12.86
C ILE A 16 -6.97 -0.21 12.99
N GLY A 17 -7.97 -0.91 12.46
CA GLY A 17 -7.98 -2.36 12.48
C GLY A 17 -8.39 -2.83 11.09
N ALA A 18 -7.88 -3.99 10.68
CA ALA A 18 -8.14 -4.56 9.38
C ALA A 18 -9.49 -5.25 9.18
N MET A 19 -9.75 -6.32 9.94
CA MET A 19 -10.99 -7.08 9.81
C MET A 19 -12.08 -6.64 10.78
N GLU A 20 -13.32 -6.95 10.43
CA GLU A 20 -14.48 -6.59 11.25
C GLU A 20 -14.37 -7.24 12.61
N GLU A 21 -14.04 -8.52 12.65
CA GLU A 21 -13.89 -9.20 13.93
C GLU A 21 -12.83 -8.49 14.76
N GLN A 22 -11.80 -7.96 14.12
CA GLN A 22 -10.76 -7.28 14.88
C GLN A 22 -11.14 -5.90 15.44
N VAL A 23 -12.26 -5.31 15.01
CA VAL A 23 -12.64 -3.99 15.48
C VAL A 23 -14.04 -3.95 16.09
N THR A 24 -14.75 -5.06 15.97
CA THR A 24 -16.12 -5.17 16.45
C THR A 24 -16.34 -4.89 17.95
N LEU A 25 -15.46 -5.44 18.80
CA LEU A 25 -15.56 -5.21 20.24
C LEU A 25 -15.49 -3.71 20.59
N LEU A 26 -14.50 -3.03 20.03
CA LEU A 26 -14.28 -1.61 20.28
C LEU A 26 -15.37 -0.73 19.68
N ARG A 27 -15.93 -1.19 18.58
CA ARG A 27 -16.99 -0.44 17.90
C ARG A 27 -18.23 -0.43 18.78
N ASP A 28 -18.52 -1.55 19.43
CA ASP A 28 -19.69 -1.65 20.30
C ASP A 28 -19.51 -0.89 21.61
N LYS A 29 -18.28 -0.48 21.92
CA LYS A 29 -18.05 0.27 23.15
C LYS A 29 -18.12 1.79 22.97
N ILE A 30 -18.13 2.24 21.72
CA ILE A 30 -18.16 3.66 21.42
C ILE A 30 -19.50 4.32 21.77
N GLU A 31 -19.44 5.32 22.65
CA GLU A 31 -20.60 6.10 23.07
C GLU A 31 -20.89 7.07 21.93
N ASN A 32 -22.16 7.41 21.74
CA ASN A 32 -22.59 8.36 20.70
C ASN A 32 -21.94 8.07 19.35
N ARG A 33 -21.90 6.80 18.98
CA ARG A 33 -21.28 6.41 17.73
C ARG A 33 -22.05 6.85 16.50
N GLN A 34 -21.31 7.11 15.43
CA GLN A 34 -21.86 7.46 14.14
C GLN A 34 -20.97 6.73 13.12
N THR A 35 -21.52 6.46 11.95
CA THR A 35 -20.77 5.76 10.93
C THR A 35 -20.57 6.53 9.64
N ILE A 36 -19.30 6.67 9.26
CA ILE A 36 -18.92 7.38 8.06
C ILE A 36 -18.35 6.34 7.10
N SER A 37 -18.94 6.24 5.92
CA SER A 37 -18.48 5.28 4.94
C SER A 37 -17.86 6.05 3.77
N LEU A 38 -16.59 5.76 3.49
CA LEU A 38 -15.85 6.43 2.40
C LEU A 38 -14.76 5.54 1.76
N GLY A 39 -14.44 5.82 0.51
CA GLY A 39 -13.43 5.06 -0.20
C GLY A 39 -13.47 3.57 0.06
N GLY A 40 -14.62 3.05 0.45
CA GLY A 40 -14.72 1.62 0.71
C GLY A 40 -14.32 1.21 2.12
N CYS A 41 -14.19 2.21 2.99
CA CYS A 41 -13.82 2.00 4.39
C CYS A 41 -14.94 2.56 5.26
N GLU A 42 -14.95 2.16 6.52
CA GLU A 42 -15.96 2.62 7.44
C GLU A 42 -15.25 3.27 8.61
N ILE A 43 -15.73 4.43 9.02
CA ILE A 43 -15.14 5.14 10.16
C ILE A 43 -16.20 5.41 11.23
N TYR A 44 -15.93 4.90 12.43
CA TYR A 44 -16.83 5.08 13.55
C TYR A 44 -16.29 6.18 14.44
N THR A 45 -17.11 7.20 14.67
CA THR A 45 -16.73 8.30 15.54
C THR A 45 -17.55 8.21 16.79
N GLY A 46 -17.03 8.78 17.86
CA GLY A 46 -17.73 8.77 19.14
C GLY A 46 -16.67 8.86 20.23
N GLN A 47 -17.02 8.41 21.44
CA GLN A 47 -16.09 8.42 22.55
C GLN A 47 -15.96 7.01 23.10
N LEU A 48 -14.79 6.72 23.64
CA LEU A 48 -14.48 5.43 24.23
C LEU A 48 -13.98 5.77 25.62
N ASN A 49 -14.85 5.65 26.63
CA ASN A 49 -14.48 6.00 28.00
C ASN A 49 -14.28 7.50 28.08
N GLY A 50 -15.23 8.25 27.53
CA GLY A 50 -15.10 9.69 27.56
C GLY A 50 -14.03 10.27 26.63
N THR A 51 -13.29 9.43 25.92
CA THR A 51 -12.25 9.96 25.04
C THR A 51 -12.71 9.92 23.58
N GLU A 52 -12.63 11.05 22.90
CA GLU A 52 -13.03 11.12 21.50
C GLU A 52 -12.13 10.22 20.64
N VAL A 53 -12.73 9.28 19.91
CA VAL A 53 -11.96 8.38 19.06
C VAL A 53 -12.51 8.29 17.64
N ALA A 54 -11.70 7.77 16.72
CA ALA A 54 -12.15 7.57 15.35
C ALA A 54 -11.57 6.21 14.99
N LEU A 55 -12.46 5.23 14.90
CA LEU A 55 -12.10 3.84 14.61
C LEU A 55 -12.39 3.45 13.16
N LEU A 56 -11.33 3.16 12.41
CA LEU A 56 -11.47 2.76 11.00
C LEU A 56 -11.21 1.27 10.75
N LYS A 57 -12.10 0.64 9.97
CA LYS A 57 -11.92 -0.77 9.59
C LYS A 57 -11.38 -0.62 8.17
N SER A 58 -10.11 -0.98 8.01
CA SER A 58 -9.41 -0.80 6.76
C SER A 58 -9.43 -1.88 5.71
N GLY A 59 -9.57 -3.11 6.15
CA GLY A 59 -9.49 -4.18 5.18
C GLY A 59 -8.06 -4.69 5.30
N ILE A 60 -7.80 -5.84 4.69
CA ILE A 60 -6.52 -6.48 4.82
C ILE A 60 -5.46 -6.05 3.82
N GLY A 61 -4.20 -6.04 4.26
CA GLY A 61 -3.13 -5.70 3.34
C GLY A 61 -2.62 -4.28 3.38
N LYS A 62 -1.48 -4.07 2.73
CA LYS A 62 -0.79 -2.78 2.71
C LYS A 62 -1.54 -1.64 2.02
N VAL A 63 -2.08 -1.89 0.82
CA VAL A 63 -2.79 -0.85 0.11
C VAL A 63 -4.12 -0.48 0.79
N ALA A 64 -4.80 -1.46 1.37
CA ALA A 64 -6.06 -1.18 1.99
C ALA A 64 -5.81 -0.28 3.20
N ALA A 65 -4.83 -0.68 4.00
CA ALA A 65 -4.50 0.06 5.20
C ALA A 65 -4.03 1.48 4.85
N ALA A 66 -3.27 1.62 3.77
CA ALA A 66 -2.76 2.92 3.36
C ALA A 66 -3.93 3.87 2.96
N LEU A 67 -4.85 3.32 2.18
CA LEU A 67 -6.01 4.03 1.69
C LEU A 67 -6.82 4.49 2.92
N GLY A 68 -7.07 3.58 3.85
CA GLY A 68 -7.82 3.94 5.05
C GLY A 68 -7.07 4.92 5.95
N ALA A 69 -5.79 4.69 6.16
CA ALA A 69 -5.02 5.58 7.01
C ALA A 69 -5.03 7.01 6.44
N THR A 70 -4.95 7.10 5.12
CA THR A 70 -4.94 8.39 4.46
C THR A 70 -6.31 9.07 4.66
N LEU A 71 -7.40 8.33 4.49
CA LEU A 71 -8.73 8.88 4.67
C LEU A 71 -8.92 9.33 6.12
N LEU A 72 -8.48 8.50 7.07
CA LEU A 72 -8.59 8.83 8.48
C LEU A 72 -7.77 10.11 8.81
N LEU A 73 -6.54 10.17 8.34
CA LEU A 73 -5.72 11.33 8.65
C LEU A 73 -6.30 12.59 8.04
N GLU A 74 -6.43 12.56 6.72
CA GLU A 74 -6.94 13.67 5.93
C GLU A 74 -8.31 14.19 6.38
N HIS A 75 -9.18 13.28 6.76
CA HIS A 75 -10.54 13.63 7.15
C HIS A 75 -10.86 13.79 8.64
N CYS A 76 -10.33 12.92 9.49
CA CYS A 76 -10.64 13.02 10.93
C CYS A 76 -9.54 13.69 11.77
N LYS A 77 -8.41 13.96 11.14
CA LYS A 77 -7.27 14.63 11.79
C LYS A 77 -6.95 14.14 13.20
N PRO A 78 -6.89 12.82 13.44
CA PRO A 78 -6.57 12.36 14.80
C PRO A 78 -5.16 12.77 15.25
N ASP A 79 -4.97 12.95 16.57
CA ASP A 79 -3.67 13.34 17.14
C ASP A 79 -2.64 12.21 17.08
N VAL A 80 -3.09 10.98 17.32
CA VAL A 80 -2.19 9.86 17.28
C VAL A 80 -2.93 8.72 16.64
N ILE A 81 -2.19 7.68 16.28
CA ILE A 81 -2.79 6.53 15.66
C ILE A 81 -2.35 5.27 16.35
N ILE A 82 -3.33 4.44 16.70
CA ILE A 82 -3.05 3.16 17.31
C ILE A 82 -3.51 2.09 16.32
N ASN A 83 -2.59 1.23 15.89
CA ASN A 83 -2.94 0.14 14.97
C ASN A 83 -3.09 -1.12 15.83
N THR A 84 -4.27 -1.73 15.75
CA THR A 84 -4.54 -2.91 16.55
C THR A 84 -4.87 -4.10 15.63
N GLY A 85 -5.15 -5.24 16.22
CA GLY A 85 -5.44 -6.42 15.41
C GLY A 85 -4.62 -7.60 15.91
N SER A 86 -4.38 -8.59 15.05
CA SER A 86 -3.64 -9.74 15.50
C SER A 86 -2.31 -9.85 14.79
N ALA A 87 -1.50 -10.84 15.17
CA ALA A 87 -0.21 -10.99 14.53
C ALA A 87 0.35 -12.39 14.78
N GLY A 88 1.32 -12.78 13.95
CA GLY A 88 1.95 -14.08 14.11
C GLY A 88 3.17 -13.84 14.97
N GLY A 89 3.34 -14.64 16.03
CA GLY A 89 4.47 -14.45 16.91
C GLY A 89 5.76 -15.04 16.35
N LEU A 90 6.86 -14.32 16.46
CA LEU A 90 8.14 -14.76 15.96
C LEU A 90 9.14 -14.85 17.10
N ALA A 91 8.93 -14.02 18.12
CA ALA A 91 9.82 -14.01 19.26
C ALA A 91 9.50 -15.25 20.11
N PRO A 92 10.55 -15.93 20.62
CA PRO A 92 10.47 -17.15 21.43
C PRO A 92 9.51 -17.20 22.62
N THR A 93 9.46 -16.14 23.41
CA THR A 93 8.59 -16.13 24.58
C THR A 93 7.13 -15.75 24.33
N LEU A 94 6.73 -15.66 23.06
CA LEU A 94 5.36 -15.26 22.76
C LEU A 94 4.41 -16.43 22.68
N LYS A 95 3.26 -16.28 23.32
CA LYS A 95 2.28 -17.35 23.25
C LYS A 95 0.98 -16.75 22.73
N VAL A 96 0.12 -17.59 22.18
CA VAL A 96 -1.15 -17.11 21.67
C VAL A 96 -1.79 -16.26 22.76
N GLY A 97 -2.27 -15.08 22.39
CA GLY A 97 -2.91 -14.19 23.36
C GLY A 97 -2.03 -13.06 23.84
N ASP A 98 -0.73 -13.29 23.95
CA ASP A 98 0.23 -12.28 24.42
C ASP A 98 0.27 -11.04 23.51
N ILE A 99 0.68 -9.93 24.13
CA ILE A 99 0.73 -8.65 23.43
C ILE A 99 2.06 -8.28 22.81
N VAL A 100 2.03 -7.68 21.62
CA VAL A 100 3.25 -7.18 20.99
C VAL A 100 3.04 -5.70 20.72
N VAL A 101 4.06 -4.92 21.10
CA VAL A 101 4.05 -3.48 20.92
C VAL A 101 5.20 -3.14 20.03
N SER A 102 4.94 -2.30 19.06
CA SER A 102 5.98 -1.90 18.14
C SER A 102 6.93 -0.82 18.66
N ASP A 103 8.20 -1.05 18.36
CA ASP A 103 9.28 -0.12 18.63
C ASP A 103 9.45 0.56 17.28
N GLU A 104 9.19 -0.24 16.24
CA GLU A 104 9.45 0.16 14.89
C GLU A 104 8.74 -0.81 13.95
N ALA A 105 8.59 -0.38 12.70
CA ALA A 105 7.91 -1.20 11.71
C ALA A 105 8.66 -1.17 10.39
N ARG A 106 8.84 -2.35 9.79
CA ARG A 106 9.53 -2.51 8.52
C ARG A 106 8.76 -3.48 7.58
N TYR A 107 8.88 -3.26 6.28
CA TYR A 107 8.27 -4.14 5.29
C TYR A 107 9.20 -5.34 5.13
N HIS A 108 8.71 -6.57 5.29
CA HIS A 108 9.61 -7.71 5.10
C HIS A 108 9.59 -8.11 3.64
N ASP A 109 8.68 -7.52 2.86
CA ASP A 109 8.58 -7.88 1.46
C ASP A 109 8.92 -6.78 0.48
N ALA A 110 9.67 -5.77 0.91
CA ALA A 110 10.07 -4.69 0.00
C ALA A 110 11.52 -4.99 -0.36
N ASP A 111 11.87 -4.93 -1.64
CA ASP A 111 13.24 -5.23 -2.03
C ASP A 111 13.71 -4.47 -3.26
N VAL A 112 14.45 -3.39 -3.02
CA VAL A 112 15.05 -2.60 -4.09
C VAL A 112 16.55 -2.68 -3.82
N THR A 113 17.00 -3.78 -3.25
CA THR A 113 18.41 -3.98 -2.95
C THR A 113 19.23 -3.88 -4.22
N ALA A 114 18.59 -4.11 -5.37
CA ALA A 114 19.29 -4.03 -6.65
C ALA A 114 19.86 -2.63 -6.88
N PHE A 115 19.29 -1.64 -6.20
CA PHE A 115 19.79 -0.27 -6.33
C PHE A 115 20.53 0.23 -5.09
N GLY A 116 20.88 -0.70 -4.20
CA GLY A 116 21.60 -0.32 -3.00
C GLY A 116 20.73 0.18 -1.85
N TYR A 117 19.46 -0.19 -1.85
CA TYR A 117 18.62 0.22 -0.75
C TYR A 117 18.72 -0.92 0.23
N GLU A 118 18.50 -0.62 1.51
CA GLU A 118 18.56 -1.65 2.53
C GLU A 118 17.36 -2.57 2.29
N TYR A 119 17.53 -3.85 2.55
CA TYR A 119 16.43 -4.80 2.34
C TYR A 119 15.24 -4.33 3.20
N GLY A 120 14.04 -4.30 2.60
CA GLY A 120 12.84 -3.85 3.30
C GLY A 120 12.54 -2.38 3.09
N GLN A 121 13.54 -1.64 2.65
CA GLN A 121 13.40 -0.22 2.42
C GLN A 121 12.94 0.15 1.02
N LEU A 122 11.98 1.07 0.93
CA LEU A 122 11.52 1.54 -0.37
C LEU A 122 12.19 2.89 -0.58
N PRO A 123 12.52 3.23 -1.83
CA PRO A 123 13.18 4.52 -2.12
C PRO A 123 12.32 5.69 -1.63
N GLY A 124 12.95 6.69 -1.03
CA GLY A 124 12.20 7.83 -0.53
C GLY A 124 11.72 7.60 0.90
N CYS A 125 11.90 6.39 1.41
CA CYS A 125 11.48 6.13 2.78
C CYS A 125 12.67 5.71 3.61
N PRO A 126 12.58 5.87 4.94
CA PRO A 126 13.67 5.46 5.84
C PRO A 126 13.57 3.94 5.83
N ALA A 127 14.64 3.22 6.18
CA ALA A 127 14.59 1.76 6.16
C ALA A 127 13.49 1.12 7.03
N GLY A 128 13.09 1.85 8.08
CA GLY A 128 12.07 1.40 9.00
C GLY A 128 11.41 2.64 9.58
N PHE A 129 10.24 2.48 10.18
CA PHE A 129 9.53 3.62 10.75
C PHE A 129 9.41 3.47 12.25
N LYS A 130 9.79 4.53 12.96
CA LYS A 130 9.77 4.50 14.41
C LYS A 130 8.46 4.88 15.08
N ALA A 131 8.04 4.04 16.03
CA ALA A 131 6.83 4.27 16.80
C ALA A 131 7.12 5.37 17.83
N ASP A 132 6.10 6.12 18.17
CA ASP A 132 6.26 7.22 19.12
C ASP A 132 6.66 6.74 20.52
N ASP A 133 7.79 7.24 21.03
CA ASP A 133 8.26 6.85 22.37
C ASP A 133 7.20 6.93 23.50
N LYS A 134 6.46 8.04 23.55
CA LYS A 134 5.47 8.19 24.60
C LYS A 134 4.37 7.18 24.42
N LEU A 135 3.92 7.00 23.18
CA LEU A 135 2.87 6.03 22.95
C LEU A 135 3.36 4.66 23.42
N ILE A 136 4.62 4.35 23.14
CA ILE A 136 5.16 3.04 23.51
C ILE A 136 5.15 2.90 25.03
N ALA A 137 5.50 3.98 25.72
CA ALA A 137 5.56 3.98 27.19
C ALA A 137 4.18 3.74 27.83
N ALA A 138 3.20 4.54 27.39
CA ALA A 138 1.85 4.39 27.90
C ALA A 138 1.38 2.95 27.69
N ALA A 139 1.78 2.36 26.56
CA ALA A 139 1.38 1.01 26.26
C ALA A 139 2.04 0.03 27.21
N GLU A 140 3.27 0.31 27.61
CA GLU A 140 4.00 -0.55 28.54
C GLU A 140 3.40 -0.41 29.92
N ALA A 141 2.93 0.80 30.21
CA ALA A 141 2.29 1.08 31.49
C ALA A 141 1.05 0.20 31.57
N CYS A 142 0.26 0.21 30.49
CA CYS A 142 -0.95 -0.60 30.47
C CYS A 142 -0.58 -2.08 30.61
N ILE A 143 0.39 -2.53 29.82
CA ILE A 143 0.78 -3.93 29.91
C ILE A 143 1.09 -4.31 31.35
N ALA A 144 1.84 -3.45 32.04
CA ALA A 144 2.19 -3.71 33.44
C ALA A 144 0.96 -3.74 34.34
N GLU A 145 0.11 -2.73 34.20
CA GLU A 145 -1.10 -2.62 35.01
C GLU A 145 -2.12 -3.75 34.81
N LEU A 146 -2.27 -4.24 33.57
CA LEU A 146 -3.21 -5.33 33.31
C LEU A 146 -2.50 -6.67 33.55
N ASN A 147 -1.21 -6.60 33.85
CA ASN A 147 -0.40 -7.79 34.12
C ASN A 147 -0.38 -8.85 33.01
N LEU A 148 -0.23 -8.39 31.77
CA LEU A 148 -0.23 -9.30 30.64
C LEU A 148 1.18 -9.59 30.22
N ASN A 149 1.36 -10.62 29.40
CA ASN A 149 2.69 -10.92 28.91
C ASN A 149 2.92 -10.17 27.59
N ALA A 150 4.00 -9.41 27.49
CA ALA A 150 4.24 -8.67 26.26
C ALA A 150 5.70 -8.60 25.86
N VAL A 151 5.92 -8.31 24.59
CA VAL A 151 7.26 -8.14 24.03
C VAL A 151 7.24 -6.88 23.15
N ARG A 152 8.29 -6.07 23.28
CA ARG A 152 8.42 -4.84 22.51
C ARG A 152 9.54 -5.08 21.49
N GLY A 153 9.37 -4.60 20.27
CA GLY A 153 10.41 -4.84 19.30
C GLY A 153 9.98 -4.51 17.89
N LEU A 154 10.76 -4.99 16.93
CA LEU A 154 10.45 -4.73 15.54
C LEU A 154 9.28 -5.56 15.09
N ILE A 155 8.33 -4.93 14.41
CA ILE A 155 7.20 -5.66 13.85
C ILE A 155 7.30 -5.50 12.33
N VAL A 156 7.19 -6.61 11.59
CA VAL A 156 7.30 -6.54 10.13
C VAL A 156 5.99 -6.86 9.38
N SER A 157 5.73 -6.15 8.28
CA SER A 157 4.52 -6.37 7.50
C SER A 157 4.81 -6.74 6.05
N GLY A 158 3.84 -7.40 5.43
CA GLY A 158 3.94 -7.78 4.03
C GLY A 158 2.54 -8.14 3.58
N ASP A 159 2.35 -8.35 2.28
CA ASP A 159 1.03 -8.72 1.79
C ASP A 159 0.84 -10.25 1.72
N ALA A 160 1.39 -10.95 2.70
CA ALA A 160 1.26 -12.40 2.74
C ALA A 160 0.97 -12.96 4.14
N PHE A 161 0.14 -13.99 4.21
CA PHE A 161 -0.13 -14.63 5.48
C PHE A 161 0.93 -15.73 5.62
N ILE A 162 1.90 -15.50 6.51
CA ILE A 162 3.00 -16.43 6.75
C ILE A 162 2.46 -17.72 7.33
N ASN A 163 2.89 -18.82 6.73
CA ASN A 163 2.43 -20.16 7.07
C ASN A 163 3.61 -21.14 7.09
N GLY A 164 4.69 -20.76 7.79
CA GLY A 164 5.85 -21.62 7.84
C GLY A 164 6.56 -21.76 6.50
N SER A 165 7.37 -22.81 6.37
CA SER A 165 8.11 -23.08 5.13
C SER A 165 9.05 -21.92 4.77
N VAL A 166 9.16 -21.65 3.47
CA VAL A 166 10.03 -20.59 2.96
C VAL A 166 9.65 -19.17 3.45
N GLY A 167 8.36 -18.86 3.41
CA GLY A 167 7.91 -17.54 3.85
C GLY A 167 8.50 -17.22 5.21
N LEU A 168 8.22 -18.07 6.19
CA LEU A 168 8.72 -17.88 7.53
C LEU A 168 10.24 -17.79 7.62
N ALA A 169 10.94 -18.74 7.01
CA ALA A 169 12.40 -18.75 7.09
C ALA A 169 13.07 -17.52 6.46
N LYS A 170 12.49 -16.99 5.39
CA LYS A 170 13.04 -15.82 4.72
C LYS A 170 12.96 -14.65 5.70
N ILE A 171 11.79 -14.47 6.32
CA ILE A 171 11.61 -13.39 7.29
C ILE A 171 12.62 -13.54 8.46
N ARG A 172 12.68 -14.72 9.04
CA ARG A 172 13.60 -14.94 10.16
C ARG A 172 15.04 -14.62 9.78
N HIS A 173 15.40 -14.97 8.55
CA HIS A 173 16.73 -14.70 8.04
C HIS A 173 16.98 -13.21 7.90
N ASN A 174 16.07 -12.51 7.25
CA ASN A 174 16.24 -11.08 7.03
C ASN A 174 15.98 -10.18 8.22
N PHE A 175 15.11 -10.61 9.12
CA PHE A 175 14.77 -9.78 10.28
C PHE A 175 14.80 -10.63 11.56
N PRO A 176 16.00 -11.08 11.96
CA PRO A 176 16.26 -11.91 13.14
C PRO A 176 15.70 -11.30 14.42
N GLN A 177 15.58 -9.98 14.45
CA GLN A 177 15.06 -9.32 15.63
C GLN A 177 13.58 -9.04 15.54
N ALA A 178 12.95 -9.40 14.41
CA ALA A 178 11.51 -9.17 14.24
C ALA A 178 10.82 -10.02 15.28
N ILE A 179 9.92 -9.42 16.05
CA ILE A 179 9.22 -10.16 17.09
C ILE A 179 7.86 -10.67 16.65
N ALA A 180 7.39 -10.20 15.50
CA ALA A 180 6.08 -10.59 15.01
C ALA A 180 5.88 -10.11 13.58
N VAL A 181 4.94 -10.74 12.87
CA VAL A 181 4.68 -10.38 11.49
C VAL A 181 3.17 -10.27 11.24
N GLU A 182 2.78 -9.27 10.47
CA GLU A 182 1.36 -9.11 10.11
C GLU A 182 1.27 -8.39 8.76
N MET A 183 0.15 -7.75 8.46
CA MET A 183 -0.01 -7.18 7.12
C MET A 183 -0.42 -5.72 6.90
N GLU A 184 -0.50 -4.91 7.97
CA GLU A 184 -0.87 -3.48 7.81
C GLU A 184 -0.01 -2.46 8.55
N ALA A 185 0.55 -2.87 9.67
CA ALA A 185 1.36 -1.99 10.50
C ALA A 185 2.32 -1.04 9.77
N THR A 186 3.19 -1.57 8.91
CA THR A 186 4.16 -0.72 8.24
C THR A 186 3.58 0.28 7.25
N ALA A 187 2.45 -0.08 6.65
CA ALA A 187 1.78 0.79 5.72
C ALA A 187 1.17 1.96 6.53
N ILE A 188 0.62 1.67 7.70
CA ILE A 188 0.04 2.71 8.53
C ILE A 188 1.18 3.63 9.01
N ALA A 189 2.31 3.02 9.36
CA ALA A 189 3.47 3.76 9.83
C ALA A 189 4.03 4.66 8.72
N HIS A 190 4.03 4.12 7.51
CA HIS A 190 4.53 4.84 6.34
C HIS A 190 3.65 6.07 6.08
N VAL A 191 2.32 5.90 6.12
CA VAL A 191 1.41 7.02 5.92
C VAL A 191 1.54 8.06 7.03
N CYS A 192 1.62 7.61 8.29
CA CYS A 192 1.73 8.56 9.42
C CYS A 192 3.03 9.32 9.33
N HIS A 193 4.07 8.64 8.84
CA HIS A 193 5.38 9.24 8.68
C HIS A 193 5.25 10.41 7.72
N ASN A 194 4.45 10.23 6.68
CA ASN A 194 4.24 11.26 5.68
C ASN A 194 3.38 12.40 6.21
N PHE A 195 2.48 12.09 7.13
CA PHE A 195 1.63 13.14 7.69
C PHE A 195 2.24 13.64 9.00
N ASN A 196 3.38 13.07 9.37
CA ASN A 196 4.07 13.47 10.58
C ASN A 196 3.15 13.27 11.81
N VAL A 197 2.46 12.12 11.84
CA VAL A 197 1.56 11.78 12.96
C VAL A 197 2.13 10.60 13.76
N PRO A 198 2.12 10.72 15.11
CA PRO A 198 2.65 9.62 15.95
C PRO A 198 1.81 8.36 15.88
N PHE A 199 2.46 7.20 15.80
CA PHE A 199 1.72 5.94 15.79
C PHE A 199 2.35 4.96 16.74
N VAL A 200 1.67 3.83 16.92
CA VAL A 200 2.14 2.74 17.75
C VAL A 200 1.24 1.57 17.37
N VAL A 201 1.82 0.37 17.35
CA VAL A 201 1.12 -0.84 17.01
C VAL A 201 0.95 -1.63 18.29
N VAL A 202 -0.24 -2.11 18.57
CA VAL A 202 -0.48 -2.90 19.77
C VAL A 202 -1.35 -4.03 19.30
N ARG A 203 -0.74 -5.21 19.13
CA ARG A 203 -1.49 -6.36 18.65
C ARG A 203 -1.36 -7.59 19.57
N ALA A 204 -2.34 -8.48 19.44
CA ALA A 204 -2.36 -9.72 20.22
C ALA A 204 -1.95 -10.87 19.29
N ILE A 205 -1.20 -11.83 19.82
CA ILE A 205 -0.73 -12.98 19.04
C ILE A 205 -1.83 -14.03 18.81
N SER A 206 -1.97 -14.46 17.57
CA SER A 206 -2.99 -15.44 17.21
C SER A 206 -2.39 -16.80 16.75
N ASP A 207 -1.12 -16.79 16.36
CA ASP A 207 -0.44 -17.98 15.87
C ASP A 207 1.05 -17.72 15.89
N VAL A 208 1.85 -18.66 15.41
CA VAL A 208 3.30 -18.44 15.40
C VAL A 208 3.89 -18.52 14.00
N ALA A 209 3.03 -18.27 13.02
CA ALA A 209 3.43 -18.24 11.62
C ALA A 209 4.04 -19.49 11.02
N ASP A 210 3.76 -20.66 11.58
CA ASP A 210 4.30 -21.90 11.02
C ASP A 210 3.26 -22.62 10.14
N GLN A 211 3.50 -23.89 9.83
CA GLN A 211 2.59 -24.67 9.00
C GLN A 211 1.17 -24.72 9.59
N GLN A 212 1.06 -24.40 10.87
CA GLN A 212 -0.22 -24.42 11.58
C GLN A 212 -0.85 -23.04 11.78
N SER A 213 -0.18 -21.99 11.29
CA SER A 213 -0.68 -20.65 11.47
C SER A 213 -2.14 -20.47 11.03
N HIS A 214 -2.53 -21.08 9.93
CA HIS A 214 -3.91 -20.96 9.44
C HIS A 214 -4.95 -21.53 10.43
N LEU A 215 -4.68 -22.71 10.96
CA LEU A 215 -5.64 -23.30 11.90
C LEU A 215 -5.66 -22.53 13.21
N SER A 216 -4.48 -22.19 13.68
CA SER A 216 -4.34 -21.45 14.93
C SER A 216 -5.10 -20.11 14.86
N PHE A 217 -4.93 -19.39 13.74
CA PHE A 217 -5.59 -18.09 13.50
C PHE A 217 -7.09 -18.28 13.65
N ASP A 218 -7.63 -19.30 12.96
CA ASP A 218 -9.07 -19.59 13.05
C ASP A 218 -9.56 -19.88 14.47
N GLU A 219 -8.78 -20.64 15.23
CA GLU A 219 -9.22 -20.98 16.55
C GLU A 219 -9.07 -19.88 17.57
N PHE A 220 -8.08 -19.01 17.35
CA PHE A 220 -7.82 -17.93 18.31
C PHE A 220 -8.10 -16.48 17.96
N LEU A 221 -8.85 -16.19 16.91
CA LEU A 221 -9.08 -14.78 16.59
C LEU A 221 -9.90 -14.08 17.67
N ALA A 222 -10.91 -14.77 18.20
CA ALA A 222 -11.72 -14.19 19.25
C ALA A 222 -10.81 -13.80 20.42
N VAL A 223 -9.85 -14.66 20.71
CA VAL A 223 -8.94 -14.41 21.82
C VAL A 223 -8.01 -13.22 21.58
N ALA A 224 -7.56 -13.08 20.34
CA ALA A 224 -6.66 -11.99 20.00
C ALA A 224 -7.43 -10.67 19.99
N ALA A 225 -8.66 -10.71 19.47
CA ALA A 225 -9.51 -9.51 19.42
C ALA A 225 -9.76 -9.03 20.84
N LYS A 226 -10.12 -9.94 21.71
CA LYS A 226 -10.39 -9.58 23.08
C LYS A 226 -9.16 -8.97 23.75
N GLN A 227 -8.03 -9.67 23.68
CA GLN A 227 -6.80 -9.19 24.30
C GLN A 227 -6.26 -7.88 23.71
N SER A 228 -6.30 -7.75 22.40
CA SER A 228 -5.81 -6.52 21.80
C SER A 228 -6.78 -5.40 22.17
N SER A 229 -8.08 -5.68 22.09
CA SER A 229 -9.08 -4.67 22.42
C SER A 229 -8.92 -4.15 23.85
N LEU A 230 -8.80 -5.06 24.81
CA LEU A 230 -8.64 -4.61 26.20
C LEU A 230 -7.46 -3.64 26.28
N MET A 231 -6.38 -3.95 25.58
CA MET A 231 -5.22 -3.08 25.58
C MET A 231 -5.56 -1.72 24.94
N VAL A 232 -6.18 -1.72 23.78
CA VAL A 232 -6.50 -0.45 23.16
C VAL A 232 -7.39 0.40 24.07
N GLU A 233 -8.45 -0.19 24.63
CA GLU A 233 -9.34 0.55 25.52
C GLU A 233 -8.54 1.19 26.63
N SER A 234 -7.68 0.41 27.25
CA SER A 234 -6.84 0.86 28.34
C SER A 234 -5.81 1.92 27.93
N LEU A 235 -5.31 1.82 26.71
CA LEU A 235 -4.32 2.77 26.21
C LEU A 235 -4.98 4.13 25.94
N VAL A 236 -6.20 4.11 25.43
CA VAL A 236 -6.91 5.35 25.17
C VAL A 236 -7.14 6.03 26.50
N GLN A 237 -7.55 5.24 27.49
CA GLN A 237 -7.82 5.78 28.82
C GLN A 237 -6.53 6.39 29.35
N LYS A 238 -5.47 5.60 29.34
CA LYS A 238 -4.16 6.05 29.81
C LYS A 238 -3.68 7.32 29.09
N LEU A 239 -3.76 7.33 27.77
CA LEU A 239 -3.30 8.48 26.99
C LEU A 239 -4.01 9.79 27.29
N ALA A 240 -5.33 9.73 27.40
CA ALA A 240 -6.13 10.93 27.64
C ALA A 240 -6.19 11.38 29.09
N HIS A 241 -5.70 10.56 30.00
CA HIS A 241 -5.77 10.94 31.40
C HIS A 241 -4.53 10.53 32.21
N GLY A 242 -4.28 9.22 32.31
CA GLY A 242 -3.10 8.78 33.04
C GLY A 242 -3.42 7.95 34.28
N MET B 11 -13.94 17.94 -18.61
CA MET B 11 -13.40 16.69 -17.98
C MET B 11 -11.95 16.81 -17.46
N LYS B 12 -11.69 16.21 -16.31
CA LYS B 12 -10.36 16.27 -15.71
C LYS B 12 -9.66 14.89 -15.71
N ILE B 13 -8.48 14.82 -16.30
CA ILE B 13 -7.76 13.56 -16.35
C ILE B 13 -6.65 13.51 -15.29
N GLY B 14 -6.73 12.56 -14.36
CA GLY B 14 -5.68 12.41 -13.36
C GLY B 14 -4.56 11.53 -13.92
N ILE B 15 -3.31 11.88 -13.62
CA ILE B 15 -2.13 11.15 -14.11
C ILE B 15 -1.19 10.90 -12.93
N ILE B 16 -0.81 9.65 -12.69
CA ILE B 16 0.10 9.29 -11.61
C ILE B 16 1.39 8.58 -12.08
N GLY B 17 2.51 9.11 -11.58
CA GLY B 17 3.82 8.58 -11.91
C GLY B 17 4.61 8.53 -10.63
N ALA B 18 5.53 7.56 -10.55
CA ALA B 18 6.31 7.35 -9.33
C ALA B 18 7.48 8.30 -9.10
N MET B 19 8.48 8.22 -9.97
CA MET B 19 9.67 9.04 -9.85
C MET B 19 9.59 10.41 -10.53
N GLU B 20 10.26 11.40 -9.92
CA GLU B 20 10.29 12.75 -10.47
C GLU B 20 10.70 12.67 -11.94
N GLU B 21 11.79 11.97 -12.20
CA GLU B 21 12.30 11.79 -13.56
C GLU B 21 11.20 11.30 -14.48
N GLN B 22 10.25 10.58 -13.90
CA GLN B 22 9.13 10.03 -14.68
C GLN B 22 7.93 10.96 -14.89
N VAL B 23 7.89 12.12 -14.22
CA VAL B 23 6.77 13.02 -14.40
C VAL B 23 7.19 14.43 -14.74
N THR B 24 8.48 14.70 -14.69
CA THR B 24 9.01 16.03 -14.96
C THR B 24 8.72 16.58 -16.39
N LEU B 25 8.83 15.74 -17.41
CA LEU B 25 8.56 16.18 -18.78
C LEU B 25 7.11 16.63 -18.89
N LEU B 26 6.23 15.91 -18.21
CA LEU B 26 4.81 16.24 -18.22
C LEU B 26 4.53 17.49 -17.38
N ARG B 27 5.17 17.56 -16.21
CA ARG B 27 5.01 18.70 -15.32
C ARG B 27 5.33 19.97 -16.09
N ASP B 28 6.36 19.90 -16.94
CA ASP B 28 6.80 21.05 -17.75
C ASP B 28 5.78 21.57 -18.74
N LYS B 29 4.99 20.68 -19.32
CA LYS B 29 3.98 21.12 -20.26
C LYS B 29 2.68 21.60 -19.62
N ILE B 30 2.50 21.39 -18.32
CA ILE B 30 1.25 21.84 -17.71
C ILE B 30 1.19 23.37 -17.59
N GLU B 31 0.21 23.99 -18.22
CA GLU B 31 0.06 25.45 -18.17
C GLU B 31 -1.03 25.82 -17.14
N ASN B 32 -1.08 27.08 -16.71
CA ASN B 32 -2.04 27.51 -15.68
C ASN B 32 -1.74 26.57 -14.51
N ARG B 33 -0.46 26.32 -14.31
CA ARG B 33 0.02 25.37 -13.32
C ARG B 33 0.08 25.78 -11.88
N GLN B 34 -0.46 24.92 -11.02
CA GLN B 34 -0.43 25.14 -9.59
C GLN B 34 0.10 23.88 -8.93
N THR B 35 0.82 24.05 -7.83
CA THR B 35 1.36 22.91 -7.11
C THR B 35 0.72 22.86 -5.76
N ILE B 36 0.24 21.68 -5.38
CA ILE B 36 -0.35 21.46 -4.07
C ILE B 36 0.56 20.41 -3.44
N SER B 37 1.03 20.66 -2.22
CA SER B 37 1.92 19.73 -1.54
C SER B 37 1.16 19.13 -0.36
N LEU B 38 1.03 17.80 -0.34
CA LEU B 38 0.27 17.15 0.72
C LEU B 38 0.66 15.68 0.95
N GLY B 39 0.53 15.24 2.19
CA GLY B 39 0.89 13.87 2.54
C GLY B 39 2.23 13.52 1.95
N GLY B 40 3.08 14.53 1.76
CA GLY B 40 4.40 14.28 1.20
C GLY B 40 4.42 13.97 -0.29
N CYS B 41 3.34 14.34 -0.99
CA CYS B 41 3.22 14.14 -2.44
C CYS B 41 2.95 15.51 -3.04
N GLU B 42 3.24 15.63 -4.34
CA GLU B 42 3.01 16.88 -5.08
C GLU B 42 1.89 16.64 -6.08
N ILE B 43 0.98 17.59 -6.22
CA ILE B 43 -0.07 17.49 -7.22
C ILE B 43 0.08 18.74 -8.07
N TYR B 44 0.17 18.56 -9.38
CA TYR B 44 0.28 19.70 -10.28
C TYR B 44 -1.01 19.74 -11.11
N THR B 45 -1.79 20.80 -10.92
CA THR B 45 -3.03 20.97 -11.63
C THR B 45 -2.91 22.07 -12.67
N GLY B 46 -3.58 21.88 -13.81
CA GLY B 46 -3.55 22.85 -14.88
C GLY B 46 -3.99 22.18 -16.15
N GLN B 47 -3.44 22.61 -17.28
CA GLN B 47 -3.81 22.02 -18.55
C GLN B 47 -2.65 21.47 -19.34
N LEU B 48 -2.87 20.30 -19.94
CA LEU B 48 -1.87 19.67 -20.75
C LEU B 48 -2.46 19.79 -22.15
N ASN B 49 -2.01 20.78 -22.89
CA ASN B 49 -2.51 21.01 -24.24
C ASN B 49 -4.03 21.13 -24.28
N GLY B 50 -4.57 22.02 -23.47
CA GLY B 50 -6.00 22.25 -23.45
C GLY B 50 -6.86 21.30 -22.63
N THR B 51 -6.28 20.30 -21.98
CA THR B 51 -7.11 19.40 -21.19
C THR B 51 -6.82 19.53 -19.71
N GLU B 52 -7.86 19.67 -18.90
CA GLU B 52 -7.63 19.80 -17.47
C GLU B 52 -7.03 18.49 -16.93
N VAL B 53 -5.92 18.60 -16.19
CA VAL B 53 -5.27 17.44 -15.57
C VAL B 53 -4.83 17.71 -14.14
N ALA B 54 -4.42 16.64 -13.47
CA ALA B 54 -3.90 16.71 -12.11
C ALA B 54 -2.82 15.65 -12.15
N LEU B 55 -1.57 16.06 -12.04
CA LEU B 55 -0.44 15.14 -12.11
C LEU B 55 0.16 14.95 -10.73
N LEU B 56 0.22 13.71 -10.28
CA LEU B 56 0.77 13.43 -8.98
C LEU B 56 2.06 12.60 -9.04
N LYS B 57 3.10 13.11 -8.38
CA LYS B 57 4.35 12.39 -8.27
C LYS B 57 4.12 11.70 -6.92
N SER B 58 3.95 10.38 -6.96
CA SER B 58 3.63 9.55 -5.78
C SER B 58 4.76 8.99 -4.95
N GLY B 59 5.81 8.54 -5.61
CA GLY B 59 6.89 7.91 -4.89
C GLY B 59 6.78 6.46 -5.32
N ILE B 60 7.80 5.67 -5.03
CA ILE B 60 7.88 4.27 -5.41
C ILE B 60 7.17 3.31 -4.44
N GLY B 61 6.57 2.24 -5.01
CA GLY B 61 5.91 1.24 -4.18
C GLY B 61 4.40 1.38 -3.99
N LYS B 62 3.79 0.31 -3.48
CA LYS B 62 2.35 0.22 -3.29
C LYS B 62 1.69 1.20 -2.31
N VAL B 63 2.29 1.36 -1.15
CA VAL B 63 1.75 2.24 -0.13
C VAL B 63 1.91 3.67 -0.59
N ALA B 64 3.08 3.98 -1.14
CA ALA B 64 3.32 5.34 -1.63
C ALA B 64 2.26 5.66 -2.68
N ALA B 65 2.06 4.76 -3.64
CA ALA B 65 1.06 4.99 -4.67
C ALA B 65 -0.38 5.02 -4.13
N ALA B 66 -0.72 4.13 -3.19
CA ALA B 66 -2.08 4.11 -2.67
C ALA B 66 -2.42 5.45 -2.01
N LEU B 67 -1.48 5.93 -1.22
CA LEU B 67 -1.58 7.18 -0.50
C LEU B 67 -1.80 8.36 -1.46
N GLY B 68 -0.94 8.44 -2.47
CA GLY B 68 -1.01 9.51 -3.46
C GLY B 68 -2.31 9.47 -4.23
N ALA B 69 -2.71 8.26 -4.63
CA ALA B 69 -3.94 8.05 -5.37
C ALA B 69 -5.16 8.46 -4.57
N THR B 70 -5.15 8.14 -3.29
CA THR B 70 -6.27 8.46 -2.43
C THR B 70 -6.39 9.98 -2.31
N LEU B 71 -5.27 10.65 -2.09
CA LEU B 71 -5.31 12.11 -2.02
C LEU B 71 -5.85 12.68 -3.35
N LEU B 72 -5.32 12.22 -4.48
CA LEU B 72 -5.77 12.71 -5.79
C LEU B 72 -7.26 12.57 -5.99
N LEU B 73 -7.77 11.35 -5.80
CA LEU B 73 -9.19 11.09 -5.94
C LEU B 73 -10.00 11.91 -4.97
N GLU B 74 -9.74 11.75 -3.68
CA GLU B 74 -10.48 12.49 -2.66
C GLU B 74 -10.37 14.02 -2.71
N HIS B 75 -9.50 14.56 -3.56
CA HIS B 75 -9.38 16.02 -3.65
C HIS B 75 -9.68 16.58 -5.02
N CYS B 76 -8.86 16.25 -6.00
CA CYS B 76 -9.08 16.75 -7.35
C CYS B 76 -10.21 16.01 -8.11
N LYS B 77 -10.71 14.90 -7.55
CA LYS B 77 -11.81 14.18 -8.19
C LYS B 77 -11.69 13.98 -9.71
N PRO B 78 -10.60 13.38 -10.17
CA PRO B 78 -10.49 13.20 -11.62
C PRO B 78 -11.55 12.23 -12.12
N ASP B 79 -11.81 12.25 -13.42
CA ASP B 79 -12.80 11.34 -14.02
C ASP B 79 -12.16 10.01 -14.32
N VAL B 80 -10.90 10.04 -14.72
CA VAL B 80 -10.19 8.82 -14.99
C VAL B 80 -8.78 8.96 -14.46
N ILE B 81 -8.10 7.83 -14.39
CA ILE B 81 -6.74 7.83 -13.90
C ILE B 81 -5.87 7.14 -14.91
N ILE B 82 -4.76 7.80 -15.24
CA ILE B 82 -3.77 7.24 -16.15
C ILE B 82 -2.51 7.06 -15.29
N ASN B 83 -2.05 5.82 -15.12
CA ASN B 83 -0.83 5.56 -14.35
C ASN B 83 0.28 5.38 -15.37
N THR B 84 1.34 6.18 -15.27
CA THR B 84 2.47 6.01 -16.18
C THR B 84 3.78 5.76 -15.44
N GLY B 85 4.86 5.66 -16.20
CA GLY B 85 6.17 5.41 -15.62
C GLY B 85 6.78 4.31 -16.45
N SER B 86 7.68 3.54 -15.88
CA SER B 86 8.28 2.46 -16.66
C SER B 86 7.94 1.05 -16.14
N ALA B 87 8.58 0.04 -16.72
CA ALA B 87 8.30 -1.33 -16.35
C ALA B 87 9.32 -2.34 -16.89
N GLY B 88 9.32 -3.53 -16.30
CA GLY B 88 10.18 -4.60 -16.72
C GLY B 88 9.41 -5.48 -17.69
N GLY B 89 9.98 -5.68 -18.88
CA GLY B 89 9.30 -6.48 -19.87
C GLY B 89 9.35 -7.95 -19.56
N LEU B 90 8.23 -8.64 -19.78
CA LEU B 90 8.13 -10.06 -19.55
C LEU B 90 7.69 -10.72 -20.85
N ALA B 91 6.85 -10.02 -21.62
CA ALA B 91 6.39 -10.56 -22.89
C ALA B 91 7.55 -10.63 -23.88
N PRO B 92 7.74 -11.79 -24.53
CA PRO B 92 8.82 -12.01 -25.49
C PRO B 92 9.15 -10.91 -26.49
N THR B 93 8.15 -10.20 -27.02
CA THR B 93 8.45 -9.16 -28.02
C THR B 93 8.71 -7.74 -27.52
N LEU B 94 8.72 -7.54 -26.21
CA LEU B 94 8.97 -6.20 -25.69
C LEU B 94 10.45 -5.84 -25.78
N LYS B 95 10.71 -4.56 -25.95
CA LYS B 95 12.08 -4.07 -26.03
C LYS B 95 12.12 -2.69 -25.41
N VAL B 96 13.25 -2.36 -24.82
CA VAL B 96 13.43 -1.05 -24.20
C VAL B 96 12.73 -0.01 -25.07
N GLY B 97 12.00 0.90 -24.44
CA GLY B 97 11.29 1.91 -25.19
C GLY B 97 9.86 1.53 -25.58
N ASP B 98 9.61 0.23 -25.80
CA ASP B 98 8.27 -0.25 -26.16
C ASP B 98 7.22 0.07 -25.10
N ILE B 99 5.95 0.07 -25.51
CA ILE B 99 4.84 0.40 -24.62
C ILE B 99 3.99 -0.79 -24.18
N VAL B 100 3.64 -0.85 -22.89
CA VAL B 100 2.74 -1.90 -22.44
C VAL B 100 1.50 -1.18 -21.91
N VAL B 101 0.34 -1.74 -22.24
CA VAL B 101 -0.95 -1.20 -21.83
C VAL B 101 -1.66 -2.25 -20.98
N SER B 102 -2.24 -1.82 -19.87
CA SER B 102 -2.92 -2.75 -19.00
C SER B 102 -4.33 -3.13 -19.44
N ASP B 103 -4.58 -4.43 -19.39
CA ASP B 103 -5.88 -5.03 -19.62
C ASP B 103 -6.38 -5.18 -18.19
N GLU B 104 -5.43 -5.30 -17.28
CA GLU B 104 -5.75 -5.61 -15.93
C GLU B 104 -4.47 -5.55 -15.13
N ALA B 105 -4.61 -5.47 -13.82
CA ALA B 105 -3.46 -5.41 -12.93
C ALA B 105 -3.68 -6.34 -11.76
N ARG B 106 -2.61 -7.03 -11.35
CA ARG B 106 -2.69 -7.95 -10.21
C ARG B 106 -1.42 -7.83 -9.35
N TYR B 107 -1.58 -8.11 -8.06
CA TYR B 107 -0.43 -8.10 -7.16
C TYR B 107 0.33 -9.43 -7.36
N HIS B 108 1.64 -9.39 -7.65
CA HIS B 108 2.35 -10.67 -7.81
C HIS B 108 2.95 -11.06 -6.46
N ASP B 109 2.80 -10.19 -5.45
CA ASP B 109 3.36 -10.49 -4.14
C ASP B 109 2.35 -10.59 -2.99
N ALA B 110 1.06 -10.69 -3.30
CA ALA B 110 0.03 -10.82 -2.28
C ALA B 110 -0.28 -12.30 -2.19
N ASP B 111 -0.25 -12.87 -0.98
CA ASP B 111 -0.49 -14.31 -0.83
C ASP B 111 -1.24 -14.67 0.43
N VAL B 112 -2.55 -14.89 0.31
CA VAL B 112 -3.37 -15.28 1.43
C VAL B 112 -4.06 -16.59 1.01
N THR B 113 -3.33 -17.42 0.25
CA THR B 113 -3.87 -18.68 -0.23
C THR B 113 -4.11 -19.64 0.92
N ALA B 114 -3.43 -19.40 2.03
CA ALA B 114 -3.62 -20.25 3.19
C ALA B 114 -5.12 -20.28 3.58
N PHE B 115 -5.87 -19.27 3.15
CA PHE B 115 -7.30 -19.19 3.46
C PHE B 115 -8.18 -19.38 2.22
N GLY B 116 -7.61 -19.77 1.09
CA GLY B 116 -8.47 -19.98 -0.06
C GLY B 116 -8.64 -18.87 -1.09
N TYR B 117 -7.89 -17.79 -0.99
CA TYR B 117 -8.01 -16.72 -1.97
C TYR B 117 -7.07 -17.09 -3.11
N GLU B 118 -7.31 -16.50 -4.27
CA GLU B 118 -6.50 -16.80 -5.44
C GLU B 118 -5.14 -16.16 -5.18
N TYR B 119 -4.07 -16.77 -5.67
CA TYR B 119 -2.78 -16.19 -5.45
C TYR B 119 -2.80 -14.77 -6.01
N GLY B 120 -2.17 -13.83 -5.32
CA GLY B 120 -2.18 -12.45 -5.79
C GLY B 120 -3.38 -11.67 -5.29
N GLN B 121 -4.41 -12.38 -4.85
CA GLN B 121 -5.61 -11.71 -4.35
C GLN B 121 -5.58 -11.38 -2.85
N LEU B 122 -6.16 -10.23 -2.49
CA LEU B 122 -6.26 -9.84 -1.08
C LEU B 122 -7.71 -9.95 -0.63
N PRO B 123 -7.95 -10.35 0.61
CA PRO B 123 -9.34 -10.43 1.03
C PRO B 123 -10.11 -9.12 0.82
N GLY B 124 -11.32 -9.22 0.27
CA GLY B 124 -12.13 -8.05 0.03
C GLY B 124 -11.90 -7.40 -1.32
N CYS B 125 -11.05 -8.01 -2.15
CA CYS B 125 -10.76 -7.45 -3.47
C CYS B 125 -10.93 -8.53 -4.52
N PRO B 126 -11.18 -8.11 -5.77
CA PRO B 126 -11.31 -9.14 -6.81
C PRO B 126 -9.89 -9.61 -7.00
N ALA B 127 -9.68 -10.80 -7.57
CA ALA B 127 -8.32 -11.30 -7.76
C ALA B 127 -7.48 -10.33 -8.58
N GLY B 128 -8.13 -9.59 -9.47
CA GLY B 128 -7.40 -8.62 -10.29
C GLY B 128 -8.29 -7.44 -10.59
N PHE B 129 -7.73 -6.35 -11.10
CA PHE B 129 -8.54 -5.16 -11.39
C PHE B 129 -8.48 -4.88 -12.89
N LYS B 130 -9.65 -4.80 -13.52
CA LYS B 130 -9.76 -4.53 -14.96
C LYS B 130 -9.59 -3.06 -15.31
N ALA B 131 -8.76 -2.77 -16.31
CA ALA B 131 -8.57 -1.38 -16.75
C ALA B 131 -9.80 -1.04 -17.61
N ASP B 132 -10.05 0.24 -17.82
CA ASP B 132 -11.21 0.67 -18.59
C ASP B 132 -11.14 0.44 -20.09
N ASP B 133 -12.17 -0.19 -20.64
CA ASP B 133 -12.21 -0.48 -22.07
C ASP B 133 -12.05 0.74 -22.96
N LYS B 134 -12.73 1.84 -22.63
CA LYS B 134 -12.59 3.03 -23.45
C LYS B 134 -11.15 3.53 -23.40
N LEU B 135 -10.62 3.66 -22.19
CA LEU B 135 -9.24 4.11 -22.02
C LEU B 135 -8.30 3.18 -22.79
N ILE B 136 -8.52 1.87 -22.71
CA ILE B 136 -7.62 0.94 -23.42
C ILE B 136 -7.71 1.18 -24.93
N ALA B 137 -8.93 1.36 -25.44
CA ALA B 137 -9.13 1.61 -26.85
C ALA B 137 -8.41 2.88 -27.33
N ALA B 138 -8.56 3.97 -26.58
CA ALA B 138 -7.92 5.22 -26.94
C ALA B 138 -6.42 5.07 -26.99
N ALA B 139 -5.87 4.38 -25.98
CA ALA B 139 -4.42 4.18 -25.92
C ALA B 139 -3.94 3.42 -27.15
N GLU B 140 -4.70 2.39 -27.54
CA GLU B 140 -4.36 1.57 -28.72
C GLU B 140 -4.43 2.39 -30.00
N ALA B 141 -5.36 3.36 -30.04
CA ALA B 141 -5.47 4.22 -31.21
C ALA B 141 -4.21 5.13 -31.29
N CYS B 142 -3.74 5.65 -30.15
CA CYS B 142 -2.54 6.48 -30.15
C CYS B 142 -1.34 5.63 -30.56
N ILE B 143 -1.18 4.47 -29.92
CA ILE B 143 -0.07 3.58 -30.26
C ILE B 143 -0.08 3.36 -31.78
N ALA B 144 -1.26 3.18 -32.36
CA ALA B 144 -1.38 2.97 -33.80
C ALA B 144 -1.01 4.23 -34.60
N GLU B 145 -1.52 5.38 -34.19
CA GLU B 145 -1.25 6.63 -34.89
C GLU B 145 0.21 7.06 -34.78
N LEU B 146 0.92 6.58 -33.77
CA LEU B 146 2.32 6.95 -33.60
C LEU B 146 3.31 5.85 -34.05
N ASN B 147 2.78 4.77 -34.63
CA ASN B 147 3.60 3.65 -35.05
C ASN B 147 4.50 3.14 -33.92
N LEU B 148 3.92 2.93 -32.72
CA LEU B 148 4.71 2.43 -31.59
C LEU B 148 4.54 0.95 -31.46
N ASN B 149 5.58 0.26 -30.97
CA ASN B 149 5.44 -1.18 -30.75
C ASN B 149 4.96 -1.37 -29.31
N ALA B 150 3.77 -1.92 -29.15
CA ALA B 150 3.22 -2.09 -27.83
C ALA B 150 2.56 -3.44 -27.62
N VAL B 151 2.31 -3.76 -26.34
CA VAL B 151 1.63 -5.01 -26.00
C VAL B 151 0.60 -4.74 -24.93
N ARG B 152 -0.53 -5.42 -25.04
CA ARG B 152 -1.62 -5.27 -24.11
C ARG B 152 -1.82 -6.54 -23.31
N GLY B 153 -2.20 -6.40 -22.05
CA GLY B 153 -2.39 -7.56 -21.21
C GLY B 153 -2.19 -7.32 -19.74
N LEU B 154 -1.91 -8.39 -19.00
CA LEU B 154 -1.74 -8.30 -17.57
C LEU B 154 -0.41 -7.70 -17.09
N ILE B 155 -0.52 -6.71 -16.22
CA ILE B 155 0.66 -6.06 -15.63
C ILE B 155 0.63 -6.42 -14.14
N VAL B 156 1.73 -6.98 -13.63
CA VAL B 156 1.76 -7.38 -12.21
C VAL B 156 2.63 -6.43 -11.39
N SER B 157 2.14 -6.06 -10.20
CA SER B 157 2.89 -5.13 -9.35
C SER B 157 3.34 -5.76 -8.04
N GLY B 158 4.43 -5.21 -7.49
CA GLY B 158 4.98 -5.68 -6.23
C GLY B 158 5.97 -4.65 -5.68
N ASP B 159 6.30 -4.76 -4.39
CA ASP B 159 7.25 -3.83 -3.78
C ASP B 159 8.68 -4.35 -3.92
N ALA B 160 8.99 -4.93 -5.08
CA ALA B 160 10.32 -5.46 -5.34
C ALA B 160 10.77 -5.17 -6.78
N PHE B 161 12.03 -4.79 -6.94
CA PHE B 161 12.56 -4.55 -8.27
C PHE B 161 13.03 -5.92 -8.75
N ILE B 162 12.55 -6.38 -9.90
CA ILE B 162 12.90 -7.71 -10.40
C ILE B 162 14.20 -7.77 -11.16
N ASN B 163 15.06 -8.68 -10.71
CA ASN B 163 16.39 -8.79 -11.26
C ASN B 163 16.70 -10.27 -11.54
N GLY B 164 15.81 -10.93 -12.28
CA GLY B 164 15.98 -12.34 -12.60
C GLY B 164 15.97 -13.25 -11.37
N SER B 165 16.61 -14.42 -11.53
CA SER B 165 16.76 -15.40 -10.46
C SER B 165 15.46 -15.89 -9.88
N VAL B 166 15.41 -16.09 -8.57
CA VAL B 166 14.20 -16.59 -7.91
C VAL B 166 12.99 -15.66 -8.06
N GLY B 167 13.22 -14.36 -7.92
CA GLY B 167 12.14 -13.40 -8.04
C GLY B 167 11.41 -13.47 -9.37
N LEU B 168 12.17 -13.50 -10.47
CA LEU B 168 11.61 -13.59 -11.80
C LEU B 168 10.91 -14.94 -11.93
N ALA B 169 11.54 -16.01 -11.44
CA ALA B 169 10.96 -17.34 -11.52
C ALA B 169 9.60 -17.39 -10.84
N LYS B 170 9.49 -16.81 -9.66
CA LYS B 170 8.20 -16.84 -8.96
C LYS B 170 7.09 -16.17 -9.78
N ILE B 171 7.41 -15.06 -10.46
CA ILE B 171 6.39 -14.37 -11.28
C ILE B 171 6.06 -15.21 -12.54
N ARG B 172 7.07 -15.78 -13.17
CA ARG B 172 6.85 -16.63 -14.35
C ARG B 172 5.87 -17.73 -13.97
N HIS B 173 6.08 -18.33 -12.80
CA HIS B 173 5.25 -19.41 -12.26
C HIS B 173 3.80 -19.05 -11.91
N ASN B 174 3.59 -17.95 -11.18
CA ASN B 174 2.23 -17.57 -10.81
C ASN B 174 1.50 -16.78 -11.88
N PHE B 175 2.23 -16.12 -12.77
CA PHE B 175 1.59 -15.32 -13.78
C PHE B 175 2.31 -15.45 -15.14
N PRO B 176 2.36 -16.68 -15.68
CA PRO B 176 3.02 -16.90 -16.96
C PRO B 176 2.49 -15.97 -18.04
N GLN B 177 1.28 -15.45 -17.86
CA GLN B 177 0.70 -14.56 -18.85
C GLN B 177 0.97 -13.06 -18.65
N ALA B 178 1.65 -12.70 -17.55
CA ALA B 178 1.91 -11.28 -17.30
C ALA B 178 2.83 -10.75 -18.38
N ILE B 179 2.54 -9.56 -18.90
CA ILE B 179 3.38 -8.96 -19.96
C ILE B 179 4.42 -8.01 -19.40
N ALA B 180 4.25 -7.59 -18.15
CA ALA B 180 5.24 -6.69 -17.59
C ALA B 180 5.10 -6.58 -16.07
N VAL B 181 6.19 -6.18 -15.42
CA VAL B 181 6.15 -6.05 -13.98
C VAL B 181 6.69 -4.71 -13.54
N GLU B 182 6.04 -4.16 -12.54
CA GLU B 182 6.44 -2.91 -11.97
C GLU B 182 6.03 -2.82 -10.49
N MET B 183 5.94 -1.61 -9.93
CA MET B 183 5.65 -1.45 -8.49
C MET B 183 4.49 -0.55 -8.02
N GLU B 184 3.68 0.01 -8.90
CA GLU B 184 2.58 0.87 -8.43
C GLU B 184 1.21 0.60 -9.04
N ALA B 185 1.20 0.10 -10.27
CA ALA B 185 -0.07 -0.09 -10.99
C ALA B 185 -1.26 -0.69 -10.23
N THR B 186 -1.11 -1.87 -9.66
CA THR B 186 -2.23 -2.52 -8.99
C THR B 186 -2.70 -1.72 -7.76
N ALA B 187 -1.78 -1.02 -7.09
CA ALA B 187 -2.14 -0.24 -5.92
C ALA B 187 -3.08 0.88 -6.38
N ILE B 188 -2.73 1.50 -7.51
CA ILE B 188 -3.54 2.57 -8.09
C ILE B 188 -4.89 1.97 -8.54
N ALA B 189 -4.84 0.84 -9.24
CA ALA B 189 -6.07 0.14 -9.67
C ALA B 189 -6.96 -0.18 -8.45
N HIS B 190 -6.33 -0.68 -7.39
CA HIS B 190 -7.05 -1.03 -6.17
C HIS B 190 -7.78 0.20 -5.61
N VAL B 191 -7.08 1.33 -5.51
CA VAL B 191 -7.70 2.54 -4.98
C VAL B 191 -8.78 3.04 -5.90
N CYS B 192 -8.54 3.01 -7.21
CA CYS B 192 -9.58 3.46 -8.15
C CYS B 192 -10.81 2.58 -8.01
N HIS B 193 -10.58 1.29 -7.74
CA HIS B 193 -11.67 0.33 -7.56
C HIS B 193 -12.61 0.79 -6.43
N ASN B 194 -12.05 1.04 -5.26
CA ASN B 194 -12.82 1.46 -4.10
C ASN B 194 -13.56 2.77 -4.38
N PHE B 195 -13.02 3.61 -5.27
CA PHE B 195 -13.67 4.87 -5.61
C PHE B 195 -14.46 4.83 -6.95
N ASN B 196 -14.58 3.66 -7.55
CA ASN B 196 -15.32 3.54 -8.81
C ASN B 196 -14.80 4.50 -9.87
N VAL B 197 -13.47 4.60 -10.00
CA VAL B 197 -12.91 5.47 -11.02
C VAL B 197 -12.19 4.62 -12.06
N PRO B 198 -12.52 4.80 -13.34
CA PRO B 198 -11.79 3.95 -14.29
C PRO B 198 -10.32 4.35 -14.45
N PHE B 199 -9.50 3.38 -14.84
CA PHE B 199 -8.08 3.60 -14.99
C PHE B 199 -7.50 2.78 -16.14
N VAL B 200 -6.26 3.09 -16.46
CA VAL B 200 -5.50 2.36 -17.45
C VAL B 200 -4.00 2.59 -17.17
N VAL B 201 -3.18 1.58 -17.40
CA VAL B 201 -1.75 1.75 -17.18
C VAL B 201 -1.05 1.79 -18.53
N VAL B 202 -0.19 2.77 -18.72
CA VAL B 202 0.58 2.91 -19.96
C VAL B 202 1.98 3.29 -19.51
N ARG B 203 2.90 2.34 -19.66
CA ARG B 203 4.28 2.47 -19.24
C ARG B 203 5.25 2.03 -20.32
N ALA B 204 6.51 2.45 -20.22
CA ALA B 204 7.49 2.09 -21.23
C ALA B 204 8.47 1.13 -20.61
N ILE B 205 8.93 0.17 -21.41
CA ILE B 205 9.88 -0.82 -20.92
C ILE B 205 11.29 -0.26 -20.77
N SER B 206 11.82 -0.34 -19.55
CA SER B 206 13.16 0.18 -19.28
C SER B 206 14.17 -0.96 -19.15
N ASP B 207 13.66 -2.17 -18.96
CA ASP B 207 14.52 -3.34 -18.81
C ASP B 207 13.62 -4.57 -18.98
N VAL B 208 14.22 -5.75 -18.99
CA VAL B 208 13.45 -6.99 -19.11
C VAL B 208 13.49 -7.81 -17.83
N ALA B 209 13.64 -7.10 -16.71
CA ALA B 209 13.61 -7.73 -15.41
C ALA B 209 14.53 -8.93 -15.24
N ASP B 210 15.64 -8.98 -15.96
CA ASP B 210 16.55 -10.10 -15.79
C ASP B 210 17.70 -9.71 -14.87
N GLN B 211 18.82 -10.42 -14.99
CA GLN B 211 19.94 -10.12 -14.13
C GLN B 211 20.63 -8.80 -14.46
N GLN B 212 20.35 -8.23 -15.62
CA GLN B 212 20.94 -6.94 -15.96
C GLN B 212 19.93 -5.80 -15.86
N SER B 213 18.74 -6.07 -15.29
CA SER B 213 17.70 -5.07 -15.24
C SER B 213 18.11 -3.76 -14.58
N HIS B 214 18.90 -3.86 -13.52
CA HIS B 214 19.40 -2.70 -12.79
C HIS B 214 20.16 -1.79 -13.77
N LEU B 215 21.17 -2.37 -14.42
CA LEU B 215 21.98 -1.63 -15.40
C LEU B 215 21.12 -1.05 -16.51
N SER B 216 20.27 -1.88 -17.13
CA SER B 216 19.38 -1.40 -18.19
C SER B 216 18.41 -0.29 -17.69
N PHE B 217 17.86 -0.43 -16.49
CA PHE B 217 16.95 0.59 -15.96
C PHE B 217 17.74 1.88 -15.95
N ASP B 218 18.98 1.80 -15.48
CA ASP B 218 19.88 2.96 -15.39
C ASP B 218 20.19 3.59 -16.75
N GLU B 219 20.44 2.75 -17.75
CA GLU B 219 20.75 3.23 -19.08
C GLU B 219 19.61 3.88 -19.83
N PHE B 220 18.43 3.28 -19.73
CA PHE B 220 17.27 3.78 -20.45
C PHE B 220 16.24 4.61 -19.66
N LEU B 221 16.68 5.14 -18.53
CA LEU B 221 15.82 5.97 -17.68
C LEU B 221 15.10 7.02 -18.51
N ALA B 222 15.89 7.89 -19.13
CA ALA B 222 15.39 8.97 -19.98
C ALA B 222 14.49 8.44 -21.09
N VAL B 223 15.01 7.53 -21.91
CA VAL B 223 14.22 6.94 -23.00
C VAL B 223 12.82 6.54 -22.52
N ALA B 224 12.76 5.83 -21.41
CA ALA B 224 11.49 5.39 -20.88
C ALA B 224 10.57 6.57 -20.61
N ALA B 225 11.13 7.55 -19.90
CA ALA B 225 10.40 8.74 -19.52
C ALA B 225 9.83 9.50 -20.72
N LYS B 226 10.63 9.63 -21.77
CA LYS B 226 10.20 10.34 -22.96
C LYS B 226 9.07 9.59 -23.63
N GLN B 227 9.27 8.30 -23.88
CA GLN B 227 8.24 7.49 -24.53
C GLN B 227 6.91 7.48 -23.79
N SER B 228 6.94 7.14 -22.50
CA SER B 228 5.72 7.08 -21.73
C SER B 228 5.04 8.44 -21.74
N SER B 229 5.84 9.52 -21.71
CA SER B 229 5.30 10.88 -21.70
C SER B 229 4.60 11.20 -23.02
N LEU B 230 5.24 10.82 -24.12
CA LEU B 230 4.67 11.08 -25.42
C LEU B 230 3.31 10.36 -25.48
N MET B 231 3.30 9.09 -25.07
CA MET B 231 2.06 8.34 -25.05
C MET B 231 0.98 9.06 -24.22
N VAL B 232 1.33 9.47 -23.00
CA VAL B 232 0.35 10.12 -22.15
C VAL B 232 -0.21 11.38 -22.76
N GLU B 233 0.64 12.20 -23.39
CA GLU B 233 0.16 13.46 -24.01
C GLU B 233 -0.81 13.14 -25.11
N SER B 234 -0.47 12.20 -25.96
CA SER B 234 -1.38 11.82 -27.05
C SER B 234 -2.69 11.27 -26.50
N LEU B 235 -2.61 10.37 -25.52
CA LEU B 235 -3.81 9.77 -24.94
C LEU B 235 -4.71 10.82 -24.30
N VAL B 236 -4.13 11.72 -23.52
CA VAL B 236 -4.93 12.77 -22.90
C VAL B 236 -5.68 13.51 -24.00
N GLN B 237 -4.93 13.91 -25.00
CA GLN B 237 -5.49 14.64 -26.13
C GLN B 237 -6.62 13.89 -26.82
N LYS B 238 -6.42 12.59 -27.06
CA LYS B 238 -7.43 11.79 -27.72
C LYS B 238 -8.67 11.64 -26.85
N LEU B 239 -8.46 11.49 -25.55
CA LEU B 239 -9.56 11.31 -24.61
C LEU B 239 -10.42 12.56 -24.50
N ALA B 240 -9.80 13.73 -24.64
CA ALA B 240 -10.52 14.97 -24.50
C ALA B 240 -11.04 15.61 -25.79
N HIS B 241 -10.44 15.32 -26.94
CA HIS B 241 -10.88 15.96 -28.17
C HIS B 241 -11.05 15.03 -29.36
N GLY B 242 -11.15 13.72 -29.13
CA GLY B 242 -11.32 12.81 -30.25
C GLY B 242 -10.02 12.49 -30.98
CS SR1 C . -6.61 -13.01 7.39
S SR1 C . -4.98 -12.36 6.96
C5 SR1 C . -4.41 -11.88 8.60
C4 SR1 C . -5.00 -10.56 9.05
O4 SR1 C . -4.83 -10.44 10.49
C1 SR1 C . -3.83 -9.48 10.79
O1 SR1 C . -4.44 -8.28 11.28
C2 SR1 C . -3.12 -9.21 9.46
O2 SR1 C . -2.50 -7.95 9.47
C3 SR1 C . -4.30 -9.31 8.49
O3 SR1 C . -5.18 -8.19 8.59
N9 ADE D . -1.60 -11.93 11.26
C8 ADE D . -1.71 -12.88 12.22
N7 ADE D . -0.97 -13.99 11.96
C5 ADE D . -0.37 -13.71 10.76
C6 ADE D . 0.54 -14.45 9.93
N6 ADE D . 0.95 -15.66 10.26
N1 ADE D . 0.96 -13.85 8.74
C2 ADE D . 0.51 -12.60 8.43
N3 ADE D . -0.35 -11.82 9.17
C4 ADE D . -0.74 -12.45 10.31
CS SR1 E . 13.43 2.50 -9.09
S SR1 E . 12.43 1.04 -8.74
C5 SR1 E . 11.46 0.95 -10.28
C4 SR1 E . 10.48 2.10 -10.38
O4 SR1 E . 10.15 2.31 -11.78
C1 SR1 E . 8.88 1.78 -12.05
O1 SR1 E . 8.00 2.85 -12.42
C2 SR1 E . 8.41 1.07 -10.78
O2 SR1 E . 7.00 1.12 -10.60
C3 SR1 E . 9.13 1.87 -9.72
O3 SR1 E . 8.45 3.10 -9.56
N9 ADE F . 10.13 -1.01 -13.24
C8 ADE F . 10.97 -1.12 -14.31
N7 ADE F . 11.65 -2.29 -14.34
C5 ADE F . 11.21 -2.96 -13.23
C6 ADE F . 11.53 -4.23 -12.69
N6 ADE F . 12.42 -5.05 -13.29
N1 ADE F . 10.90 -4.59 -11.53
C2 ADE F . 10.00 -3.74 -10.93
N3 ADE F . 9.62 -2.51 -11.36
C4 ADE F . 10.28 -2.20 -12.53
#